data_2B2W
#
_entry.id   2B2W
#
_cell.length_a   112.268
_cell.length_b   55.167
_cell.length_c   100.507
_cell.angle_alpha   90.00
_cell.angle_beta   112.44
_cell.angle_gamma   90.00
#
_symmetry.space_group_name_H-M   'C 1 2 1'
#
loop_
_entity.id
_entity.type
_entity.pdbx_description
1 polymer 'Chromodomain-helicase-DNA-binding protein 1'
2 polymer 'Chromodomain-helicase-DNA-binding protein 1'
3 polymer 'Histone H3'
4 water water
#
loop_
_entity_poly.entity_id
_entity_poly.type
_entity_poly.pdbx_seq_one_letter_code
_entity_poly.pdbx_strand_id
1 'polypeptide(L)'
;MKKHHHHHHEEEFETIERFMDCRIGRKGATGATTTIYAVEADGDPNAGFEKNKEPGEIQYLIKWKGWSHIHNTWETEETL
KQQNVRGMKKLDNYKKKDQETKRWLKNASPEDVEYYNCQQELTDDLHKQYQIVGRIIAHSNQKSAAGYPDYYCKWQGLPY
SECSWEDGALISKKFQACIDEYFSRKK
;
A,B
2 'polypeptide(L)'
;MKKHHHHHHEEEFETIERFMDCRIGRKGATGATTTIYAVEADGDPNAGFEKNKEPGEIQYLIKWKGWSHIHNTWETEETL
KQQNVRGMKKLDNYKKKDQETKRWLKNASPEDVEY
;
C
3 'polypeptide(L)' ART(M3L)QTARKSTGGKAPRKQY D
#
# COMPACT_ATOMS: atom_id res chain seq x y z
N GLU A 11 9.13 7.18 -12.99
CA GLU A 11 9.97 8.41 -13.00
C GLU A 11 9.57 9.41 -14.10
N GLU A 12 9.98 10.67 -13.90
CA GLU A 12 9.75 11.79 -14.82
C GLU A 12 8.43 12.53 -15.02
N PHE A 13 7.36 12.03 -14.44
CA PHE A 13 6.15 12.79 -14.17
C PHE A 13 5.42 12.16 -12.99
N GLU A 14 4.66 12.94 -12.25
CA GLU A 14 3.94 12.41 -11.13
C GLU A 14 2.72 11.68 -11.70
N THR A 15 2.18 10.76 -10.92
CA THR A 15 1.02 9.98 -11.34
C THR A 15 -0.09 9.99 -10.29
N ILE A 16 -1.31 10.28 -10.73
CA ILE A 16 -2.45 10.28 -9.83
C ILE A 16 -2.72 8.82 -9.42
N GLU A 17 -2.72 8.54 -8.13
CA GLU A 17 -2.99 7.18 -7.69
C GLU A 17 -4.43 7.10 -7.20
N ARG A 18 -4.87 8.09 -6.44
CA ARG A 18 -6.24 8.08 -5.97
C ARG A 18 -6.78 9.43 -5.55
N PHE A 19 -8.09 9.60 -5.74
CA PHE A 19 -8.81 10.80 -5.38
C PHE A 19 -9.36 10.55 -3.99
N MET A 20 -8.86 11.30 -3.01
CA MET A 20 -9.27 11.14 -1.62
C MET A 20 -10.41 12.04 -1.18
N ASP A 21 -10.55 13.20 -1.83
CA ASP A 21 -11.61 14.13 -1.44
C ASP A 21 -11.83 15.16 -2.52
N CYS A 22 -12.81 16.03 -2.30
CA CYS A 22 -13.17 17.07 -3.24
C CYS A 22 -13.68 18.28 -2.44
N ARG A 23 -13.43 19.48 -2.94
CA ARG A 23 -13.88 20.68 -2.23
C ARG A 23 -13.90 21.89 -3.15
N ILE A 24 -14.47 22.97 -2.65
CA ILE A 24 -14.46 24.22 -3.37
C ILE A 24 -13.69 25.10 -2.41
N GLY A 25 -12.50 25.52 -2.82
CA GLY A 25 -11.69 26.35 -1.95
C GLY A 25 -11.18 27.57 -2.67
N ARG A 26 -10.39 28.36 -1.95
CA ARG A 26 -9.81 29.57 -2.50
C ARG A 26 -9.07 29.24 -3.79
N LYS A 27 -9.03 30.22 -4.69
CA LYS A 27 -8.36 30.07 -5.98
C LYS A 27 -6.85 30.09 -5.71
N GLY A 28 -6.12 29.15 -6.30
CA GLY A 28 -4.68 29.11 -6.08
C GLY A 28 -4.27 28.36 -4.82
N ALA A 29 -5.21 27.91 -4.00
CA ALA A 29 -4.84 27.19 -2.78
C ALA A 29 -4.67 25.73 -3.21
N THR A 30 -3.57 25.46 -3.93
CA THR A 30 -3.29 24.13 -4.41
C THR A 30 -1.78 23.92 -4.48
N GLY A 31 -1.38 22.67 -4.66
CA GLY A 31 0.04 22.40 -4.77
C GLY A 31 0.74 22.09 -3.46
N ALA A 32 2.07 22.18 -3.51
CA ALA A 32 2.95 21.90 -2.39
C ALA A 32 2.55 22.57 -1.10
N THR A 33 2.13 23.82 -1.17
CA THR A 33 1.74 24.55 0.02
C THR A 33 0.47 23.99 0.68
N THR A 34 -0.15 22.97 0.09
CA THR A 34 -1.34 22.44 0.71
C THR A 34 -1.14 21.13 1.46
N THR A 35 0.09 20.65 1.53
CA THR A 35 0.34 19.40 2.24
C THR A 35 0.08 19.70 3.71
N ILE A 36 -0.29 18.67 4.46
CA ILE A 36 -0.55 18.87 5.88
C ILE A 36 0.64 19.50 6.60
N TYR A 37 1.86 19.16 6.21
CA TYR A 37 3.00 19.73 6.89
C TYR A 37 3.31 21.17 6.44
N ALA A 38 2.97 21.50 5.20
CA ALA A 38 3.19 22.85 4.74
C ALA A 38 2.21 23.71 5.52
N VAL A 39 0.98 23.23 5.59
CA VAL A 39 -0.08 23.93 6.31
C VAL A 39 0.26 24.12 7.79
N GLU A 40 0.79 23.07 8.41
CA GLU A 40 1.16 23.10 9.82
C GLU A 40 2.33 24.06 10.06
N ALA A 41 3.24 24.14 9.10
CA ALA A 41 4.41 25.00 9.24
C ALA A 41 4.23 26.45 8.79
N ASP A 42 3.42 26.68 7.76
CA ASP A 42 3.23 28.04 7.24
C ASP A 42 1.79 28.52 7.12
N GLY A 43 0.84 27.73 7.59
CA GLY A 43 -0.54 28.15 7.49
C GLY A 43 -1.23 27.63 6.26
N ASP A 44 -2.53 27.38 6.38
CA ASP A 44 -3.32 26.87 5.27
C ASP A 44 -3.68 27.97 4.28
N PRO A 45 -3.21 27.86 3.02
CA PRO A 45 -3.51 28.88 2.01
C PRO A 45 -5.00 28.98 1.73
N ASN A 46 -5.78 28.14 2.40
CA ASN A 46 -7.23 28.12 2.22
C ASN A 46 -7.86 28.60 3.54
N ALA A 47 -7.01 29.10 4.43
CA ALA A 47 -7.46 29.60 5.73
C ALA A 47 -8.58 30.61 5.61
N GLY A 48 -9.53 30.51 6.53
CA GLY A 48 -10.65 31.44 6.56
C GLY A 48 -11.45 31.53 5.28
N PHE A 49 -11.48 30.46 4.49
CA PHE A 49 -12.24 30.49 3.25
C PHE A 49 -13.71 30.21 3.52
N GLU A 50 -14.47 31.27 3.74
CA GLU A 50 -15.90 31.11 3.93
C GLU A 50 -16.31 31.10 2.47
N LYS A 51 -16.59 29.93 1.94
CA LYS A 51 -16.97 29.82 0.54
C LYS A 51 -18.02 30.89 0.30
N ASN A 52 -18.60 31.38 1.40
CA ASN A 52 -19.66 32.34 1.30
C ASN A 52 -19.51 33.72 0.66
N LYS A 53 -18.29 34.19 0.51
CA LYS A 53 -18.05 35.43 -0.22
C LYS A 53 -16.58 35.36 -0.51
N GLU A 54 -16.25 34.89 -1.69
CA GLU A 54 -14.89 34.74 -2.08
C GLU A 54 -14.55 34.85 -3.56
N PRO A 55 -14.94 33.85 -4.42
CA PRO A 55 -15.71 32.60 -4.35
C PRO A 55 -14.59 31.65 -4.78
N GLY A 56 -14.80 30.34 -4.60
CA GLY A 56 -13.76 29.40 -4.96
C GLY A 56 -13.79 28.67 -6.28
N GLU A 57 -13.03 27.57 -6.34
CA GLU A 57 -12.95 26.73 -7.53
C GLU A 57 -12.95 25.28 -7.08
N ILE A 58 -13.33 24.38 -7.98
CA ILE A 58 -13.37 22.95 -7.68
C ILE A 58 -11.94 22.43 -7.53
N GLN A 59 -11.63 21.86 -6.38
CA GLN A 59 -10.30 21.30 -6.14
C GLN A 59 -10.42 19.84 -5.70
N TYR A 60 -9.37 19.05 -5.95
CA TYR A 60 -9.35 17.63 -5.63
C TYR A 60 -8.12 17.24 -4.81
N LEU A 61 -8.32 16.47 -3.75
CA LEU A 61 -7.20 16.03 -2.90
C LEU A 61 -6.59 14.77 -3.51
N ILE A 62 -5.33 14.86 -3.91
CA ILE A 62 -4.67 13.73 -4.56
C ILE A 62 -3.63 12.92 -3.80
N LYS A 63 -3.81 11.59 -3.84
CA LYS A 63 -2.86 10.65 -3.24
C LYS A 63 -2.01 10.32 -4.46
N TRP A 64 -0.73 10.65 -4.38
CA TRP A 64 0.20 10.43 -5.48
C TRP A 64 0.88 9.07 -5.47
N LYS A 65 1.22 8.60 -6.65
CA LYS A 65 1.90 7.33 -6.79
C LYS A 65 3.31 7.50 -6.25
N GLY A 66 3.74 6.59 -5.38
CA GLY A 66 5.08 6.67 -4.82
C GLY A 66 5.33 7.67 -3.71
N TRP A 67 4.29 8.37 -3.27
CA TRP A 67 4.41 9.32 -2.16
C TRP A 67 3.40 8.87 -1.11
N SER A 68 3.76 9.00 0.17
CA SER A 68 2.84 8.59 1.22
C SER A 68 1.72 9.62 1.34
N HIS A 69 0.62 9.26 1.99
CA HIS A 69 -0.52 10.14 2.17
C HIS A 69 -0.20 11.49 2.84
N ILE A 70 0.95 11.57 3.51
CA ILE A 70 1.32 12.81 4.17
C ILE A 70 1.61 13.85 3.10
N HIS A 71 1.95 13.37 1.91
CA HIS A 71 2.28 14.23 0.79
C HIS A 71 1.11 14.61 -0.11
N ASN A 72 -0.11 14.21 0.24
CA ASN A 72 -1.28 14.53 -0.57
C ASN A 72 -1.43 16.05 -0.77
N THR A 73 -1.84 16.47 -1.97
CA THR A 73 -2.03 17.89 -2.24
C THR A 73 -3.36 18.12 -2.93
N TRP A 74 -3.86 19.35 -2.81
CA TRP A 74 -5.09 19.73 -3.47
C TRP A 74 -4.69 20.25 -4.85
N GLU A 75 -5.47 19.90 -5.86
CA GLU A 75 -5.20 20.30 -7.23
C GLU A 75 -6.51 20.57 -7.98
N THR A 76 -6.41 21.20 -9.14
CA THR A 76 -7.58 21.45 -9.98
C THR A 76 -7.27 20.74 -11.27
N GLU A 77 -8.29 20.59 -12.10
CA GLU A 77 -8.14 19.93 -13.39
C GLU A 77 -7.03 20.67 -14.12
N GLU A 78 -6.96 21.97 -13.89
CA GLU A 78 -5.94 22.80 -14.53
C GLU A 78 -4.51 22.55 -14.03
N THR A 79 -4.31 22.54 -12.73
CA THR A 79 -2.94 22.31 -12.27
C THR A 79 -2.47 20.93 -12.70
N LEU A 80 -3.36 19.95 -12.63
CA LEU A 80 -3.03 18.59 -13.02
C LEU A 80 -2.50 18.56 -14.44
N LYS A 81 -3.23 19.20 -15.35
CA LYS A 81 -2.85 19.25 -16.76
C LYS A 81 -1.56 20.00 -16.93
N GLN A 82 -1.44 21.12 -16.23
CA GLN A 82 -0.25 21.94 -16.31
C GLN A 82 1.02 21.17 -15.96
N GLN A 83 0.96 20.30 -14.95
CA GLN A 83 2.16 19.55 -14.60
C GLN A 83 2.25 18.20 -15.30
N ASN A 84 1.52 18.05 -16.41
CA ASN A 84 1.53 16.82 -17.19
C ASN A 84 1.51 15.56 -16.34
N VAL A 85 0.69 15.53 -15.31
CA VAL A 85 0.66 14.35 -14.48
C VAL A 85 0.04 13.21 -15.28
N ARG A 86 0.35 11.98 -14.90
CA ARG A 86 -0.23 10.83 -15.57
C ARG A 86 -1.40 10.34 -14.73
N GLY A 87 -2.32 9.62 -15.37
CA GLY A 87 -3.49 9.12 -14.67
C GLY A 87 -4.66 10.07 -14.77
N MET A 88 -4.63 10.99 -15.74
CA MET A 88 -5.75 11.94 -15.92
C MET A 88 -7.09 11.26 -16.18
N LYS A 89 -7.07 10.04 -16.68
CA LYS A 89 -8.31 9.33 -16.94
C LYS A 89 -9.09 9.18 -15.63
N LYS A 90 -8.36 9.04 -14.54
CA LYS A 90 -8.97 8.92 -13.23
C LYS A 90 -9.80 10.15 -12.85
N LEU A 91 -9.47 11.31 -13.42
CA LEU A 91 -10.25 12.52 -13.11
C LEU A 91 -11.64 12.37 -13.74
N ASP A 92 -11.67 11.81 -14.94
CA ASP A 92 -12.93 11.63 -15.64
C ASP A 92 -13.83 10.62 -14.92
N ASN A 93 -13.24 9.50 -14.49
CA ASN A 93 -14.03 8.49 -13.81
C ASN A 93 -14.55 9.06 -12.50
N TYR A 94 -13.69 9.75 -11.75
CA TYR A 94 -14.09 10.31 -10.49
C TYR A 94 -15.30 11.26 -10.65
N LYS A 95 -15.24 12.13 -11.64
CA LYS A 95 -16.32 13.06 -11.89
C LYS A 95 -17.60 12.34 -12.26
N LYS A 96 -17.48 11.31 -13.08
CA LYS A 96 -18.66 10.56 -13.50
C LYS A 96 -19.27 9.81 -12.34
N LYS A 97 -18.43 9.19 -11.52
CA LYS A 97 -18.89 8.46 -10.36
C LYS A 97 -19.54 9.45 -9.41
N ASP A 98 -18.93 10.61 -9.27
CA ASP A 98 -19.48 11.63 -8.39
C ASP A 98 -20.89 12.04 -8.84
N GLN A 99 -21.06 12.26 -10.15
CA GLN A 99 -22.37 12.64 -10.68
C GLN A 99 -23.37 11.53 -10.42
N GLU A 100 -22.97 10.28 -10.68
CA GLU A 100 -23.86 9.15 -10.48
C GLU A 100 -24.32 9.13 -9.03
N THR A 101 -23.37 9.31 -8.12
CA THR A 101 -23.70 9.31 -6.71
C THR A 101 -24.70 10.41 -6.39
N LYS A 102 -24.49 11.62 -6.93
CA LYS A 102 -25.41 12.73 -6.68
C LYS A 102 -26.82 12.39 -7.17
N ARG A 103 -26.92 11.92 -8.41
CA ARG A 103 -28.22 11.60 -8.97
C ARG A 103 -28.97 10.53 -8.17
N TRP A 104 -28.24 9.52 -7.70
CA TRP A 104 -28.86 8.43 -6.95
C TRP A 104 -29.24 8.83 -5.53
N LEU A 105 -28.69 9.95 -5.05
CA LEU A 105 -29.00 10.40 -3.70
C LEU A 105 -29.92 11.61 -3.79
N LYS A 106 -30.45 11.84 -4.99
CA LYS A 106 -31.32 12.99 -5.23
C LYS A 106 -32.49 13.00 -4.25
N ASN A 107 -33.43 12.08 -4.44
CA ASN A 107 -34.51 12.04 -3.49
C ASN A 107 -34.30 10.78 -2.66
N ALA A 108 -33.63 10.98 -1.55
CA ALA A 108 -33.30 9.90 -0.64
C ALA A 108 -33.79 10.25 0.74
N SER A 109 -34.35 9.26 1.43
CA SER A 109 -34.87 9.42 2.76
C SER A 109 -33.87 10.12 3.65
N PRO A 110 -34.35 10.82 4.69
CA PRO A 110 -33.48 11.54 5.62
C PRO A 110 -32.48 10.54 6.19
N GLU A 111 -32.95 9.32 6.40
CA GLU A 111 -32.13 8.25 6.92
C GLU A 111 -31.01 7.93 5.94
N ASP A 112 -31.33 7.85 4.65
CA ASP A 112 -30.32 7.58 3.64
C ASP A 112 -29.25 8.65 3.70
N VAL A 113 -29.67 9.90 3.87
CA VAL A 113 -28.74 11.01 3.96
C VAL A 113 -28.00 10.87 5.28
N GLU A 114 -28.70 10.39 6.28
CA GLU A 114 -28.12 10.19 7.60
C GLU A 114 -26.95 9.21 7.53
N TYR A 115 -27.23 8.03 6.99
CA TYR A 115 -26.23 6.97 6.84
C TYR A 115 -25.04 7.49 6.04
N TYR A 116 -25.33 8.13 4.91
CA TYR A 116 -24.29 8.67 4.03
C TYR A 116 -23.34 9.62 4.74
N ASN A 117 -23.89 10.64 5.41
CA ASN A 117 -23.04 11.59 6.11
C ASN A 117 -22.21 10.93 7.19
N CYS A 118 -22.78 9.92 7.84
CA CYS A 118 -22.07 9.21 8.90
C CYS A 118 -20.88 8.47 8.30
N GLN A 119 -21.15 7.61 7.33
CA GLN A 119 -20.09 6.84 6.69
C GLN A 119 -18.99 7.73 6.13
N GLN A 120 -19.37 8.84 5.48
CA GLN A 120 -18.38 9.73 4.91
C GLN A 120 -17.43 10.30 5.99
N GLU A 121 -17.93 10.48 7.20
CA GLU A 121 -17.10 11.00 8.28
C GLU A 121 -16.17 9.90 8.80
N LEU A 122 -16.69 8.68 8.88
CA LEU A 122 -15.90 7.54 9.34
C LEU A 122 -14.70 7.38 8.40
N THR A 123 -14.97 7.34 7.09
CA THR A 123 -13.91 7.21 6.10
C THR A 123 -13.02 8.46 6.02
N ASP A 124 -13.61 9.64 6.18
CA ASP A 124 -12.81 10.86 6.14
C ASP A 124 -11.79 10.82 7.27
N ASP A 125 -12.23 10.38 8.44
CA ASP A 125 -11.33 10.29 9.60
C ASP A 125 -10.26 9.23 9.35
N LEU A 126 -10.69 8.08 8.86
CA LEU A 126 -9.79 6.98 8.57
C LEU A 126 -8.61 7.49 7.73
N HIS A 127 -8.95 8.18 6.65
CA HIS A 127 -7.97 8.71 5.73
C HIS A 127 -6.99 9.67 6.37
N LYS A 128 -7.47 10.45 7.35
CA LYS A 128 -6.61 11.40 8.02
C LYS A 128 -5.53 10.67 8.81
N GLN A 129 -5.86 9.50 9.31
CA GLN A 129 -4.90 8.71 10.07
C GLN A 129 -3.76 8.21 9.20
N TYR A 130 -3.99 8.09 7.89
CA TYR A 130 -2.94 7.64 6.99
C TYR A 130 -1.72 8.57 7.01
N GLN A 131 -1.93 9.82 7.45
CA GLN A 131 -0.85 10.81 7.49
C GLN A 131 -0.15 10.84 8.85
N ILE A 132 -0.61 10.03 9.78
CA ILE A 132 -0.02 9.98 11.11
C ILE A 132 0.87 8.77 11.32
N VAL A 133 2.11 9.05 11.73
CA VAL A 133 3.09 7.99 11.98
C VAL A 133 2.66 7.20 13.21
N GLY A 134 2.45 5.91 13.04
CA GLY A 134 2.06 5.09 14.18
C GLY A 134 3.29 4.49 14.85
N ARG A 135 4.35 4.30 14.06
CA ARG A 135 5.57 3.73 14.59
C ARG A 135 6.77 3.90 13.64
N ILE A 136 7.91 4.32 14.20
CA ILE A 136 9.14 4.45 13.41
C ILE A 136 9.72 3.03 13.48
N ILE A 137 10.20 2.52 12.35
CA ILE A 137 10.73 1.16 12.32
C ILE A 137 12.22 1.07 12.12
N ALA A 138 12.81 2.12 11.56
CA ALA A 138 14.25 2.13 11.31
C ALA A 138 14.66 3.51 10.85
N HIS A 139 15.97 3.73 10.79
CA HIS A 139 16.50 5.00 10.33
C HIS A 139 17.69 4.78 9.42
N SER A 140 18.07 5.82 8.70
CA SER A 140 19.16 5.72 7.76
C SER A 140 20.54 5.96 8.33
N ASN A 141 21.55 5.39 7.68
CA ASN A 141 22.92 5.56 8.13
C ASN A 141 23.34 6.98 7.76
N GLN A 142 23.00 7.40 6.54
CA GLN A 142 23.32 8.76 6.09
C GLN A 142 22.50 9.77 6.87
N LYS A 143 23.02 10.98 6.97
CA LYS A 143 22.36 12.06 7.70
C LYS A 143 22.42 13.36 6.90
N SER A 144 21.36 14.17 6.99
CA SER A 144 21.33 15.45 6.28
C SER A 144 22.43 16.34 6.85
N ALA A 145 22.74 17.44 6.17
CA ALA A 145 23.77 18.35 6.65
C ALA A 145 23.37 18.88 8.02
N ALA A 146 22.08 18.92 8.31
CA ALA A 146 21.59 19.41 9.60
C ALA A 146 21.54 18.29 10.64
N GLY A 147 22.04 17.11 10.28
CA GLY A 147 22.07 16.00 11.22
C GLY A 147 20.82 15.17 11.37
N TYR A 148 19.96 15.18 10.36
CA TYR A 148 18.74 14.40 10.42
C TYR A 148 18.83 13.13 9.59
N PRO A 149 18.53 11.97 10.18
CA PRO A 149 18.58 10.72 9.43
C PRO A 149 17.15 10.56 8.91
N ASP A 150 16.93 9.78 7.85
CA ASP A 150 15.55 9.62 7.40
C ASP A 150 14.93 8.51 8.23
N TYR A 151 13.61 8.43 8.22
CA TYR A 151 12.94 7.41 9.01
C TYR A 151 11.98 6.53 8.24
N TYR A 152 11.94 5.25 8.61
CA TYR A 152 11.05 4.29 7.99
C TYR A 152 9.80 4.28 8.86
N CYS A 153 8.72 4.82 8.33
CA CYS A 153 7.49 4.95 9.08
C CYS A 153 6.38 3.96 8.79
N LYS A 154 5.71 3.56 9.86
CA LYS A 154 4.58 2.65 9.78
C LYS A 154 3.41 3.62 9.93
N TRP A 155 2.49 3.60 8.96
CA TRP A 155 1.35 4.50 8.99
C TRP A 155 0.12 3.96 9.67
N GLN A 156 -0.54 4.82 10.45
CA GLN A 156 -1.78 4.44 11.13
C GLN A 156 -2.81 4.05 10.09
N GLY A 157 -3.45 2.91 10.29
CA GLY A 157 -4.48 2.46 9.37
C GLY A 157 -4.00 1.74 8.12
N LEU A 158 -2.69 1.70 7.89
CA LEU A 158 -2.21 1.03 6.69
C LEU A 158 -1.27 -0.13 7.02
N PRO A 159 -1.33 -1.21 6.22
CA PRO A 159 -0.46 -2.36 6.45
C PRO A 159 1.02 -2.02 6.26
N TYR A 160 1.90 -2.88 6.76
CA TYR A 160 3.33 -2.63 6.66
C TYR A 160 3.86 -2.49 5.25
N SER A 161 3.10 -2.96 4.26
CA SER A 161 3.52 -2.85 2.87
C SER A 161 3.42 -1.39 2.41
N GLU A 162 2.87 -0.52 3.27
CA GLU A 162 2.76 0.89 2.93
C GLU A 162 3.79 1.75 3.67
N CYS A 163 4.64 1.14 4.49
CA CYS A 163 5.68 1.88 5.21
C CYS A 163 6.53 2.57 4.16
N SER A 164 7.11 3.71 4.53
CA SER A 164 7.94 4.45 3.60
C SER A 164 9.00 5.26 4.32
N TRP A 165 10.13 5.48 3.64
CA TRP A 165 11.19 6.28 4.22
C TRP A 165 10.76 7.74 4.11
N GLU A 166 10.99 8.53 5.16
CA GLU A 166 10.59 9.93 5.15
C GLU A 166 11.68 10.84 5.68
N ASP A 167 11.72 12.05 5.12
CA ASP A 167 12.68 13.07 5.50
C ASP A 167 12.65 13.25 7.01
N GLY A 168 13.82 13.16 7.64
CA GLY A 168 13.90 13.28 9.08
C GLY A 168 13.38 14.59 9.67
N ALA A 169 13.80 15.71 9.08
CA ALA A 169 13.37 17.01 9.55
C ALA A 169 11.85 17.10 9.57
N LEU A 170 11.21 16.64 8.49
CA LEU A 170 9.76 16.68 8.40
C LEU A 170 9.06 15.93 9.53
N ILE A 171 9.42 14.65 9.67
CA ILE A 171 8.85 13.79 10.71
C ILE A 171 9.07 14.33 12.12
N SER A 172 10.24 14.89 12.36
CA SER A 172 10.55 15.43 13.69
C SER A 172 9.65 16.62 14.08
N LYS A 173 9.23 17.40 13.09
CA LYS A 173 8.39 18.54 13.39
C LYS A 173 7.05 18.15 14.02
N LYS A 174 6.60 16.92 13.81
CA LYS A 174 5.33 16.51 14.37
C LYS A 174 5.36 15.19 15.13
N PHE A 175 6.33 14.34 14.82
CA PHE A 175 6.40 13.04 15.45
C PHE A 175 7.67 12.80 16.25
N GLN A 176 8.18 13.85 16.90
CA GLN A 176 9.38 13.69 17.69
C GLN A 176 9.19 12.60 18.75
N ALA A 177 7.96 12.39 19.18
CA ALA A 177 7.67 11.37 20.17
C ALA A 177 8.00 10.00 19.61
N CYS A 178 7.42 9.68 18.45
CA CYS A 178 7.67 8.41 17.79
C CYS A 178 9.18 8.23 17.58
N ILE A 179 9.86 9.31 17.24
CA ILE A 179 11.30 9.24 17.04
C ILE A 179 11.97 8.93 18.37
N ASP A 180 11.52 9.60 19.44
CA ASP A 180 12.11 9.36 20.76
C ASP A 180 11.85 7.93 21.23
N GLU A 181 10.63 7.45 21.06
CA GLU A 181 10.29 6.10 21.48
C GLU A 181 11.08 5.06 20.68
N TYR A 182 11.32 5.36 19.42
CA TYR A 182 12.08 4.45 18.57
C TYR A 182 13.45 4.18 19.18
N PHE A 183 14.18 5.25 19.51
CA PHE A 183 15.49 5.08 20.10
C PHE A 183 15.46 4.53 21.51
N SER A 184 14.39 4.83 22.24
CA SER A 184 14.25 4.35 23.61
C SER A 184 14.12 2.84 23.67
N ARG A 185 13.38 2.23 22.74
CA ARG A 185 13.24 0.77 22.70
C ARG A 185 14.62 0.27 22.28
N LYS A 186 15.62 1.09 22.55
CA LYS A 186 17.01 0.86 22.18
C LYS A 186 17.07 1.07 20.68
N LYS A 187 17.78 2.12 20.29
CA LYS A 187 17.96 2.55 18.89
C LYS A 187 17.62 1.56 17.79
N GLU B 11 -14.13 -7.87 -24.11
CA GLU B 11 -12.76 -8.43 -23.86
C GLU B 11 -11.60 -7.42 -23.84
N GLU B 12 -10.44 -8.02 -24.09
CA GLU B 12 -9.09 -7.46 -24.13
C GLU B 12 -8.43 -7.55 -22.74
N PHE B 13 -7.87 -6.52 -22.09
CA PHE B 13 -7.23 -6.89 -20.81
C PHE B 13 -7.54 -6.29 -19.44
N GLU B 14 -7.36 -7.13 -18.41
CA GLU B 14 -7.55 -6.75 -17.02
C GLU B 14 -6.25 -6.07 -16.60
N THR B 15 -6.30 -5.31 -15.51
CA THR B 15 -5.11 -4.61 -15.03
C THR B 15 -5.04 -4.53 -13.51
N ILE B 16 -3.86 -4.83 -12.96
CA ILE B 16 -3.63 -4.83 -11.52
C ILE B 16 -3.68 -3.45 -10.87
N GLU B 17 -4.47 -3.34 -9.81
CA GLU B 17 -4.57 -2.09 -9.10
C GLU B 17 -3.78 -2.17 -7.79
N ARG B 18 -4.12 -3.13 -6.94
CA ARG B 18 -3.42 -3.29 -5.67
C ARG B 18 -3.14 -4.73 -5.28
N PHE B 19 -2.08 -4.90 -4.49
CA PHE B 19 -1.66 -6.20 -3.97
C PHE B 19 -2.20 -6.23 -2.55
N MET B 20 -3.19 -7.08 -2.33
CA MET B 20 -3.83 -7.20 -1.02
C MET B 20 -3.14 -8.17 -0.08
N ASP B 21 -2.42 -9.13 -0.65
CA ASP B 21 -1.74 -10.14 0.15
C ASP B 21 -1.02 -11.16 -0.73
N CYS B 22 -0.23 -12.01 -0.10
CA CYS B 22 0.47 -13.08 -0.80
C CYS B 22 0.54 -14.29 0.15
N ARG B 23 0.69 -15.47 -0.42
CA ARG B 23 0.73 -16.69 0.36
C ARG B 23 1.40 -17.80 -0.45
N ILE B 24 1.68 -18.90 0.24
CA ILE B 24 2.23 -20.08 -0.42
C ILE B 24 0.98 -20.94 -0.47
N GLY B 25 0.54 -21.30 -1.67
CA GLY B 25 -0.68 -22.10 -1.80
C GLY B 25 -0.64 -23.14 -2.89
N ARG B 26 -1.54 -24.11 -2.79
CA ARG B 26 -1.64 -25.20 -3.75
C ARG B 26 -1.49 -24.71 -5.19
N LYS B 27 -0.67 -25.42 -5.96
CA LYS B 27 -0.47 -25.05 -7.36
C LYS B 27 -1.81 -25.17 -8.06
N GLY B 28 -2.12 -24.18 -8.89
CA GLY B 28 -3.38 -24.19 -9.61
C GLY B 28 -4.50 -23.55 -8.83
N ALA B 29 -4.24 -23.22 -7.57
CA ALA B 29 -5.26 -22.60 -6.73
C ALA B 29 -5.27 -21.09 -6.96
N THR B 30 -5.49 -20.69 -8.21
CA THR B 30 -5.55 -19.28 -8.60
C THR B 30 -6.68 -19.06 -9.58
N GLY B 31 -6.99 -17.79 -9.84
CA GLY B 31 -8.04 -17.48 -10.79
C GLY B 31 -9.44 -17.27 -10.23
N ALA B 32 -10.40 -17.22 -11.15
CA ALA B 32 -11.81 -17.00 -10.83
C ALA B 32 -12.37 -17.86 -9.70
N THR B 33 -11.98 -19.12 -9.65
CA THR B 33 -12.47 -20.03 -8.62
C THR B 33 -11.96 -19.66 -7.23
N THR B 34 -11.23 -18.55 -7.11
CA THR B 34 -10.73 -18.16 -5.80
C THR B 34 -11.39 -16.91 -5.21
N THR B 35 -12.48 -16.46 -5.81
CA THR B 35 -13.19 -15.30 -5.28
C THR B 35 -14.08 -15.79 -4.14
N ILE B 36 -14.23 -15.00 -3.08
CA ILE B 36 -15.07 -15.40 -1.94
C ILE B 36 -16.38 -16.06 -2.36
N TYR B 37 -17.04 -15.54 -3.39
CA TYR B 37 -18.31 -16.12 -3.81
C TYR B 37 -18.12 -17.38 -4.65
N ALA B 38 -16.91 -17.58 -5.17
CA ALA B 38 -16.62 -18.79 -5.93
C ALA B 38 -16.41 -19.83 -4.85
N VAL B 39 -15.58 -19.47 -3.87
CA VAL B 39 -15.28 -20.35 -2.75
C VAL B 39 -16.57 -20.75 -2.07
N GLU B 40 -17.37 -19.74 -1.72
CA GLU B 40 -18.64 -19.95 -1.05
C GLU B 40 -19.61 -20.84 -1.83
N ALA B 41 -19.49 -20.86 -3.15
CA ALA B 41 -20.40 -21.67 -3.97
C ALA B 41 -19.86 -22.99 -4.49
N ASP B 42 -18.54 -23.16 -4.55
CA ASP B 42 -18.00 -24.40 -5.07
C ASP B 42 -16.77 -24.93 -4.35
N GLY B 43 -16.52 -24.45 -3.13
CA GLY B 43 -15.36 -24.94 -2.40
C GLY B 43 -14.09 -24.18 -2.73
N ASP B 44 -13.12 -24.25 -1.82
CA ASP B 44 -11.85 -23.57 -1.98
C ASP B 44 -10.73 -24.43 -2.57
N PRO B 45 -10.22 -24.05 -3.76
CA PRO B 45 -9.16 -24.76 -4.47
C PRO B 45 -7.88 -24.95 -3.66
N ASN B 46 -7.70 -24.14 -2.63
CA ASN B 46 -6.51 -24.18 -1.77
C ASN B 46 -6.83 -24.83 -0.43
N ALA B 47 -8.03 -25.39 -0.31
CA ALA B 47 -8.48 -26.02 0.93
C ALA B 47 -7.53 -27.09 1.43
N GLY B 48 -7.16 -26.99 2.70
CA GLY B 48 -6.27 -27.97 3.29
C GLY B 48 -4.94 -28.09 2.58
N PHE B 49 -4.35 -26.97 2.15
CA PHE B 49 -3.06 -27.04 1.51
C PHE B 49 -2.09 -27.43 2.62
N GLU B 50 -1.23 -28.38 2.31
CA GLU B 50 -0.33 -28.98 3.30
C GLU B 50 1.16 -28.67 3.54
N LYS B 51 1.89 -28.19 2.54
CA LYS B 51 3.33 -27.89 2.67
C LYS B 51 4.20 -29.03 2.14
N LYS B 53 3.63 -32.01 2.10
CA LYS B 53 3.10 -33.19 1.43
C LYS B 53 2.55 -32.84 0.05
N GLU B 54 2.96 -31.67 -0.47
CA GLU B 54 2.48 -31.19 -1.75
C GLU B 54 3.27 -29.97 -2.21
N PRO B 55 3.47 -29.82 -3.53
CA PRO B 55 4.22 -28.69 -4.09
C PRO B 55 3.56 -27.31 -3.94
N GLY B 56 4.29 -26.38 -3.30
CA GLY B 56 3.78 -25.04 -3.07
C GLY B 56 3.88 -24.11 -4.27
N GLU B 57 3.60 -22.83 -4.05
CA GLU B 57 3.64 -21.83 -5.13
C GLU B 57 3.28 -20.46 -4.55
N ILE B 58 4.14 -19.46 -4.76
CA ILE B 58 3.90 -18.11 -4.27
C ILE B 58 2.68 -17.51 -4.97
N GLN B 59 1.69 -17.07 -4.21
CA GLN B 59 0.50 -16.49 -4.84
C GLN B 59 0.20 -15.12 -4.26
N TYR B 60 -0.38 -14.26 -5.09
CA TYR B 60 -0.71 -12.90 -4.68
C TYR B 60 -2.20 -12.64 -4.76
N LEU B 61 -2.73 -11.91 -3.77
CA LEU B 61 -4.16 -11.56 -3.73
C LEU B 61 -4.28 -10.22 -4.46
N ILE B 62 -4.95 -10.25 -5.61
CA ILE B 62 -5.09 -9.05 -6.44
C ILE B 62 -6.42 -8.30 -6.41
N LYS B 63 -6.33 -6.97 -6.35
CA LYS B 63 -7.49 -6.08 -6.40
C LYS B 63 -7.42 -5.55 -7.84
N TRP B 64 -8.49 -5.75 -8.59
CA TRP B 64 -8.54 -5.33 -9.99
C TRP B 64 -9.13 -3.96 -10.28
N LYS B 65 -8.53 -3.24 -11.23
CA LYS B 65 -9.02 -1.93 -11.60
C LYS B 65 -10.33 -2.08 -12.36
N GLY B 66 -11.39 -1.49 -11.81
CA GLY B 66 -12.69 -1.59 -12.46
C GLY B 66 -13.60 -2.62 -11.82
N TRP B 67 -13.07 -3.37 -10.84
CA TRP B 67 -13.85 -4.39 -10.14
C TRP B 67 -13.76 -4.17 -8.64
N SER B 68 -14.86 -4.42 -7.94
CA SER B 68 -14.90 -4.26 -6.49
C SER B 68 -14.13 -5.40 -5.80
N HIS B 69 -13.71 -5.15 -4.56
CA HIS B 69 -12.95 -6.15 -3.79
C HIS B 69 -13.61 -7.52 -3.74
N ILE B 70 -14.92 -7.56 -3.90
CA ILE B 70 -15.61 -8.84 -3.85
C ILE B 70 -15.02 -9.75 -4.94
N HIS B 71 -14.45 -9.14 -5.97
CA HIS B 71 -13.88 -9.89 -7.09
C HIS B 71 -12.37 -10.18 -7.05
N ASN B 72 -11.72 -9.96 -5.91
CA ASN B 72 -10.29 -10.23 -5.83
C ASN B 72 -10.01 -11.71 -6.03
N THR B 73 -8.85 -12.01 -6.60
CA THR B 73 -8.46 -13.39 -6.82
C THR B 73 -6.97 -13.56 -6.54
N TRP B 74 -6.58 -14.80 -6.26
CA TRP B 74 -5.17 -15.10 -6.03
C TRP B 74 -4.58 -15.42 -7.40
N GLU B 75 -3.34 -15.01 -7.60
CA GLU B 75 -2.69 -15.24 -8.87
C GLU B 75 -1.20 -15.42 -8.65
N THR B 76 -0.54 -15.97 -9.66
CA THR B 76 0.89 -16.18 -9.59
C THR B 76 1.52 -15.28 -10.63
N GLU B 77 2.81 -15.03 -10.50
CA GLU B 77 3.50 -14.19 -11.46
C GLU B 77 3.21 -14.72 -12.86
N GLU B 78 3.07 -16.03 -12.98
CA GLU B 78 2.79 -16.69 -14.25
C GLU B 78 1.38 -16.49 -14.80
N THR B 79 0.36 -16.76 -14.00
CA THR B 79 -1.00 -16.58 -14.49
C THR B 79 -1.21 -15.12 -14.90
N LEU B 80 -0.50 -14.22 -14.24
CA LEU B 80 -0.59 -12.80 -14.55
C LEU B 80 -0.09 -12.53 -15.96
N LYS B 81 1.13 -12.99 -16.25
CA LYS B 81 1.71 -12.78 -17.57
C LYS B 81 1.07 -13.63 -18.66
N GLN B 82 0.39 -14.69 -18.26
CA GLN B 82 -0.27 -15.55 -19.23
C GLN B 82 -1.64 -14.98 -19.57
N GLN B 83 -1.95 -13.81 -19.00
CA GLN B 83 -3.21 -13.13 -19.25
C GLN B 83 -3.00 -11.74 -19.81
N ASN B 84 -1.73 -11.32 -19.84
CA ASN B 84 -1.36 -10.00 -20.37
C ASN B 84 -1.81 -8.86 -19.45
N VAL B 85 -1.98 -9.17 -18.17
CA VAL B 85 -2.42 -8.16 -17.21
C VAL B 85 -1.53 -6.92 -17.22
N ARG B 86 -2.14 -5.74 -17.09
CA ARG B 86 -1.40 -4.49 -17.07
C ARG B 86 -1.01 -4.16 -15.64
N GLY B 87 0.06 -3.40 -15.48
CA GLY B 87 0.50 -3.04 -14.14
C GLY B 87 1.50 -3.98 -13.53
N MET B 88 2.06 -4.88 -14.33
CA MET B 88 3.04 -5.85 -13.85
C MET B 88 4.15 -5.18 -13.05
N LYS B 89 4.48 -3.96 -13.43
CA LYS B 89 5.53 -3.18 -12.75
C LYS B 89 5.31 -3.14 -11.24
N LYS B 90 4.04 -3.10 -10.84
CA LYS B 90 3.70 -3.06 -9.42
C LYS B 90 4.13 -4.33 -8.70
N LEU B 91 4.09 -5.44 -9.43
CA LEU B 91 4.48 -6.72 -8.88
C LEU B 91 5.91 -6.72 -8.37
N ASP B 92 6.78 -6.01 -9.08
CA ASP B 92 8.19 -5.96 -8.69
C ASP B 92 8.40 -5.14 -7.42
N ASN B 93 7.60 -4.09 -7.26
CA ASN B 93 7.70 -3.24 -6.08
C ASN B 93 7.22 -4.02 -4.86
N TYR B 94 6.06 -4.66 -4.99
CA TYR B 94 5.48 -5.45 -3.91
C TYR B 94 6.45 -6.54 -3.47
N LYS B 95 7.16 -7.11 -4.44
CA LYS B 95 8.12 -8.17 -4.16
C LYS B 95 9.26 -7.71 -3.29
N LYS B 96 10.03 -6.73 -3.74
CA LYS B 96 11.14 -6.32 -2.90
C LYS B 96 10.60 -5.74 -1.59
N LYS B 97 9.42 -5.15 -1.63
CA LYS B 97 8.83 -4.59 -0.44
C LYS B 97 8.62 -5.72 0.55
N ASP B 98 7.99 -6.79 0.09
CA ASP B 98 7.72 -7.96 0.94
C ASP B 98 8.98 -8.58 1.53
N GLN B 99 10.02 -8.75 0.71
CA GLN B 99 11.27 -9.33 1.22
C GLN B 99 11.91 -8.39 2.24
N GLU B 100 11.73 -7.10 2.02
CA GLU B 100 12.28 -6.08 2.90
C GLU B 100 11.71 -6.31 4.30
N THR B 101 10.40 -6.55 4.37
CA THR B 101 9.74 -6.75 5.66
C THR B 101 9.95 -8.15 6.22
N LYS B 102 10.38 -9.08 5.36
CA LYS B 102 10.63 -10.43 5.82
C LYS B 102 12.02 -10.47 6.45
N ARG B 103 12.94 -9.69 5.88
CA ARG B 103 14.30 -9.60 6.40
C ARG B 103 14.25 -8.96 7.78
N TRP B 104 13.53 -7.84 7.85
CA TRP B 104 13.37 -7.10 9.10
C TRP B 104 12.72 -7.98 10.15
N LEU B 105 11.77 -8.79 9.71
CA LEU B 105 11.03 -9.68 10.62
C LEU B 105 11.94 -10.70 11.30
N LYS B 106 13.01 -11.09 10.61
CA LYS B 106 13.94 -12.08 11.12
C LYS B 106 14.68 -11.66 12.40
N ASN B 107 14.81 -10.34 12.59
CA ASN B 107 15.48 -9.81 13.78
C ASN B 107 14.64 -8.83 14.57
N ALA B 108 13.40 -8.65 14.16
CA ALA B 108 12.51 -7.73 14.86
C ALA B 108 12.42 -8.13 16.33
N SER B 109 12.57 -7.15 17.21
CA SER B 109 12.47 -7.42 18.64
C SER B 109 11.11 -8.05 18.89
N PRO B 110 11.00 -8.85 19.96
CA PRO B 110 9.74 -9.51 20.29
C PRO B 110 8.55 -8.57 20.38
N GLU B 111 8.77 -7.39 20.96
CA GLU B 111 7.70 -6.41 21.11
C GLU B 111 7.36 -5.71 19.80
N ASP B 112 8.30 -5.73 18.85
CA ASP B 112 8.06 -5.12 17.54
C ASP B 112 7.28 -6.12 16.73
N VAL B 113 7.57 -7.40 16.95
CA VAL B 113 6.87 -8.46 16.24
C VAL B 113 5.42 -8.45 16.68
N GLU B 114 5.20 -8.32 17.99
CA GLU B 114 3.84 -8.28 18.53
C GLU B 114 3.05 -7.15 17.90
N TYR B 115 3.65 -5.94 17.90
CA TYR B 115 3.00 -4.77 17.31
C TYR B 115 2.68 -5.07 15.85
N TYR B 116 3.66 -5.59 15.12
CA TYR B 116 3.48 -5.93 13.72
C TYR B 116 2.30 -6.87 13.54
N ASN B 117 2.18 -7.85 14.44
CA ASN B 117 1.09 -8.81 14.34
C ASN B 117 -0.29 -8.24 14.64
N CYS B 118 -0.40 -7.44 15.71
CA CYS B 118 -1.70 -6.84 16.05
C CYS B 118 -2.17 -5.94 14.91
N GLN B 119 -1.25 -5.14 14.38
CA GLN B 119 -1.58 -4.24 13.28
C GLN B 119 -2.00 -4.95 12.00
N GLN B 120 -1.34 -6.06 11.68
CA GLN B 120 -1.70 -6.82 10.48
C GLN B 120 -3.05 -7.50 10.68
N GLU B 121 -3.44 -7.74 11.94
CA GLU B 121 -4.73 -8.34 12.20
C GLU B 121 -5.81 -7.35 11.79
N LEU B 122 -5.72 -6.14 12.34
CA LEU B 122 -6.67 -5.06 12.04
C LEU B 122 -6.77 -4.91 10.53
N THR B 123 -5.63 -4.59 9.94
CA THR B 123 -5.53 -4.41 8.50
C THR B 123 -6.32 -5.46 7.75
N ASP B 124 -6.01 -6.73 8.00
CA ASP B 124 -6.68 -7.82 7.31
C ASP B 124 -8.17 -7.86 7.53
N ASP B 125 -8.61 -7.47 8.72
CA ASP B 125 -10.04 -7.47 8.96
C ASP B 125 -10.70 -6.35 8.16
N LEU B 126 -10.09 -5.16 8.17
CA LEU B 126 -10.64 -4.04 7.41
C LEU B 126 -10.83 -4.48 5.97
N HIS B 127 -9.79 -5.07 5.40
CA HIS B 127 -9.85 -5.53 4.02
C HIS B 127 -11.02 -6.47 3.75
N LYS B 128 -11.34 -7.34 4.69
CA LYS B 128 -12.45 -8.27 4.47
C LYS B 128 -13.79 -7.52 4.41
N GLN B 129 -13.88 -6.39 5.12
CA GLN B 129 -15.10 -5.60 5.11
C GLN B 129 -15.43 -5.10 3.70
N TYR B 130 -14.41 -4.69 2.95
CA TYR B 130 -14.61 -4.19 1.60
C TYR B 130 -15.44 -5.12 0.73
N GLN B 131 -15.51 -6.40 1.10
CA GLN B 131 -16.25 -7.36 0.30
C GLN B 131 -17.65 -7.50 0.86
N ILE B 132 -17.96 -6.72 1.87
CA ILE B 132 -19.27 -6.78 2.49
C ILE B 132 -20.15 -5.59 2.11
N VAL B 133 -21.35 -5.90 1.60
CA VAL B 133 -22.29 -4.86 1.21
C VAL B 133 -22.79 -4.22 2.51
N GLY B 134 -22.67 -2.89 2.60
CA GLY B 134 -23.13 -2.20 3.79
C GLY B 134 -24.52 -1.62 3.59
N ARG B 135 -24.91 -1.44 2.33
CA ARG B 135 -26.21 -0.87 1.99
C ARG B 135 -26.40 -0.79 0.48
N ILE B 136 -27.61 -1.05 0.00
CA ILE B 136 -27.91 -0.96 -1.43
C ILE B 136 -28.43 0.46 -1.66
N ILE B 137 -27.85 1.15 -2.65
CA ILE B 137 -28.25 2.52 -2.94
C ILE B 137 -29.23 2.63 -4.09
N ALA B 138 -29.20 1.67 -5.01
CA ALA B 138 -30.10 1.70 -6.16
C ALA B 138 -30.07 0.38 -6.93
N HIS B 139 -30.95 0.27 -7.92
CA HIS B 139 -31.02 -0.92 -8.76
C HIS B 139 -31.40 -0.51 -10.18
N SER B 140 -31.19 -1.41 -11.13
CA SER B 140 -31.53 -1.13 -12.52
C SER B 140 -32.90 -1.70 -12.83
N ASN B 141 -33.44 -1.37 -14.00
CA ASN B 141 -34.74 -1.88 -14.40
C ASN B 141 -34.57 -3.19 -15.13
N GLN B 142 -33.55 -3.24 -15.98
CA GLN B 142 -33.27 -4.45 -16.73
C GLN B 142 -33.11 -5.59 -15.75
N LYS B 143 -33.68 -6.73 -16.08
CA LYS B 143 -33.57 -7.86 -15.19
C LYS B 143 -32.82 -8.99 -15.83
N SER B 144 -32.04 -9.66 -14.98
CA SER B 144 -31.22 -10.81 -15.35
C SER B 144 -32.04 -11.62 -16.31
N ALA B 145 -31.37 -12.24 -17.27
CA ALA B 145 -32.02 -13.19 -18.16
C ALA B 145 -32.85 -14.05 -17.16
N ALA B 146 -34.02 -13.49 -16.83
CA ALA B 146 -34.97 -14.04 -15.89
C ALA B 146 -34.47 -14.05 -14.44
N GLY B 147 -35.13 -13.24 -13.61
CA GLY B 147 -34.75 -13.15 -12.22
C GLY B 147 -34.31 -11.84 -11.58
N TYR B 148 -33.04 -11.51 -11.78
CA TYR B 148 -32.44 -10.36 -11.14
C TYR B 148 -32.06 -9.05 -11.82
N PRO B 149 -32.14 -7.95 -11.06
CA PRO B 149 -31.79 -6.60 -11.51
C PRO B 149 -30.42 -6.37 -10.84
N ASP B 150 -29.61 -5.45 -11.34
CA ASP B 150 -28.30 -5.19 -10.73
C ASP B 150 -28.45 -4.24 -9.54
N TYR B 151 -27.44 -4.19 -8.67
CA TYR B 151 -27.51 -3.31 -7.49
C TYR B 151 -26.27 -2.44 -7.30
N TYR B 152 -26.50 -1.17 -7.00
CA TYR B 152 -25.42 -0.21 -6.75
C TYR B 152 -25.12 -0.41 -5.26
N CYS B 153 -23.96 -1.01 -4.98
CA CYS B 153 -23.59 -1.30 -3.61
C CYS B 153 -22.58 -0.39 -2.93
N LYS B 154 -22.90 -0.03 -1.69
CA LYS B 154 -22.05 0.81 -0.88
C LYS B 154 -21.32 -0.23 -0.02
N TRP B 155 -20.00 -0.32 -0.18
CA TRP B 155 -19.21 -1.28 0.55
C TRP B 155 -18.78 -0.80 1.93
N GLN B 156 -18.82 -1.72 2.89
CA GLN B 156 -18.42 -1.41 4.26
C GLN B 156 -16.95 -1.04 4.28
N GLY B 157 -16.60 -0.06 5.10
CA GLY B 157 -15.22 0.37 5.20
C GLY B 157 -14.74 1.27 4.08
N LEU B 158 -15.52 1.39 3.01
CA LEU B 158 -15.12 2.22 1.88
C LEU B 158 -16.07 3.39 1.61
N PRO B 159 -15.53 4.54 1.19
CA PRO B 159 -16.33 5.74 0.89
C PRO B 159 -17.24 5.54 -0.32
N TYR B 160 -18.29 6.35 -0.41
CA TYR B 160 -19.26 6.27 -1.52
C TYR B 160 -18.65 6.36 -2.91
N SER B 161 -17.46 6.94 -3.02
CA SER B 161 -16.78 7.01 -4.31
C SER B 161 -16.41 5.63 -4.86
N GLU B 162 -16.50 4.61 -4.01
CA GLU B 162 -16.16 3.24 -4.39
C GLU B 162 -17.38 2.35 -4.59
N CYS B 163 -18.58 2.94 -4.53
CA CYS B 163 -19.80 2.18 -4.74
C CYS B 163 -19.69 1.56 -6.12
N SER B 164 -20.34 0.42 -6.33
CA SER B 164 -20.27 -0.23 -7.62
C SER B 164 -21.52 -1.04 -7.95
N TRP B 165 -21.79 -1.15 -9.25
CA TRP B 165 -22.91 -1.93 -9.73
C TRP B 165 -22.49 -3.40 -9.69
N GLU B 166 -23.33 -4.26 -9.12
CA GLU B 166 -23.00 -5.67 -9.03
C GLU B 166 -24.15 -6.53 -9.56
N ASP B 167 -23.80 -7.68 -10.13
CA ASP B 167 -24.78 -8.61 -10.67
C ASP B 167 -25.81 -9.01 -9.62
N GLY B 168 -27.08 -8.90 -9.98
CA GLY B 168 -28.12 -9.30 -9.04
C GLY B 168 -27.93 -10.80 -8.88
N ALA B 169 -28.48 -11.38 -7.81
CA ALA B 169 -28.34 -12.80 -7.56
C ALA B 169 -27.02 -13.07 -6.89
N LEU B 170 -25.95 -12.53 -7.47
CA LEU B 170 -24.62 -12.71 -6.92
C LEU B 170 -24.61 -11.99 -5.57
N ILE B 171 -25.37 -10.92 -5.49
CA ILE B 171 -25.46 -10.13 -4.27
C ILE B 171 -26.49 -10.72 -3.33
N SER B 172 -27.63 -11.11 -3.90
CA SER B 172 -28.72 -11.69 -3.11
C SER B 172 -28.32 -13.03 -2.48
N LYS B 173 -27.36 -13.71 -3.10
CA LYS B 173 -26.90 -14.99 -2.59
C LYS B 173 -26.29 -14.85 -1.20
N LYS B 174 -26.07 -13.61 -0.77
CA LYS B 174 -25.45 -13.37 0.53
C LYS B 174 -25.98 -12.15 1.28
N PHE B 175 -26.37 -11.10 0.54
CA PHE B 175 -26.84 -9.87 1.16
C PHE B 175 -28.31 -9.60 0.91
N GLN B 176 -29.11 -10.65 0.91
CA GLN B 176 -30.54 -10.51 0.68
C GLN B 176 -31.14 -9.55 1.69
N ALA B 177 -30.72 -9.67 2.94
CA ALA B 177 -31.23 -8.79 3.99
C ALA B 177 -31.10 -7.33 3.58
N CYS B 178 -29.89 -6.95 3.14
CA CYS B 178 -29.64 -5.59 2.71
C CYS B 178 -30.53 -5.21 1.54
N ILE B 179 -30.85 -6.18 0.69
CA ILE B 179 -31.71 -5.93 -0.46
C ILE B 179 -33.13 -5.66 0.00
N ASP B 180 -33.63 -6.51 0.89
CA ASP B 180 -34.99 -6.33 1.41
C ASP B 180 -35.09 -5.00 2.14
N GLU B 181 -34.09 -4.67 2.94
CA GLU B 181 -34.10 -3.40 3.67
C GLU B 181 -34.25 -2.26 2.66
N TYR B 182 -33.37 -2.25 1.67
CA TYR B 182 -33.39 -1.24 0.62
C TYR B 182 -34.83 -0.98 0.18
N PHE B 183 -35.59 -2.04 -0.04
CA PHE B 183 -36.96 -1.84 -0.43
C PHE B 183 -37.76 -1.26 0.69
N SER B 184 -37.83 0.07 0.64
CA SER B 184 -38.52 0.84 1.64
C SER B 184 -38.87 2.20 1.09
N ARG B 185 -39.48 2.16 -0.09
CA ARG B 185 -39.99 3.40 -0.60
C ARG B 185 -41.22 3.26 0.30
N LYS B 186 -41.62 2.01 0.54
CA LYS B 186 -42.69 1.73 1.48
C LYS B 186 -43.21 0.30 1.58
N GLU C 11 43.77 -16.20 14.03
CA GLU C 11 44.03 -14.79 13.59
C GLU C 11 44.29 -14.75 12.09
N GLU C 12 43.52 -15.53 11.33
CA GLU C 12 43.66 -15.58 9.89
C GLU C 12 42.36 -15.22 9.17
N PHE C 13 42.10 -15.91 8.06
CA PHE C 13 40.91 -15.63 7.25
C PHE C 13 39.57 -16.09 7.83
N GLU C 14 38.51 -15.38 7.43
CA GLU C 14 37.15 -15.69 7.86
C GLU C 14 36.61 -16.69 6.85
N THR C 15 35.53 -17.39 7.17
CA THR C 15 35.00 -18.37 6.22
C THR C 15 33.47 -18.39 6.09
N ILE C 16 33.00 -18.41 4.85
CA ILE C 16 31.58 -18.41 4.56
C ILE C 16 30.94 -19.75 4.87
N GLU C 17 29.95 -19.73 5.75
CA GLU C 17 29.26 -20.96 6.12
C GLU C 17 28.00 -21.15 5.29
N ARG C 18 27.44 -20.06 4.77
CA ARG C 18 26.23 -20.15 3.98
C ARG C 18 25.75 -18.81 3.37
N PHE C 19 25.10 -18.91 2.21
CA PHE C 19 24.55 -17.73 1.53
C PHE C 19 23.09 -17.71 1.97
N MET C 20 22.71 -16.66 2.69
CA MET C 20 21.36 -16.54 3.22
C MET C 20 20.37 -15.79 2.36
N ASP C 21 20.82 -14.74 1.69
CA ASP C 21 19.93 -13.92 0.90
C ASP C 21 20.70 -13.23 -0.22
N CYS C 22 19.98 -12.50 -1.07
CA CYS C 22 20.60 -11.79 -2.18
C CYS C 22 19.80 -10.51 -2.48
N ARG C 23 20.47 -9.47 -2.96
CA ARG C 23 19.77 -8.22 -3.26
C ARG C 23 20.61 -7.24 -4.08
N ILE C 24 19.91 -6.27 -4.67
CA ILE C 24 20.58 -5.21 -5.42
C ILE C 24 20.50 -4.08 -4.39
N GLY C 25 21.64 -3.58 -3.96
CA GLY C 25 21.62 -2.54 -2.95
C GLY C 25 22.63 -1.44 -3.20
N ARG C 26 22.47 -0.32 -2.51
CA ARG C 26 23.38 0.82 -2.63
C ARG C 26 24.79 0.28 -2.61
N LYS C 27 25.62 0.74 -3.54
CA LYS C 27 27.00 0.27 -3.57
C LYS C 27 27.67 0.81 -2.31
N GLY C 28 28.39 -0.06 -1.61
CA GLY C 28 29.07 0.35 -0.39
C GLY C 28 28.29 -0.10 0.84
N ALA C 29 27.03 -0.50 0.64
CA ALA C 29 26.19 -0.95 1.73
C ALA C 29 26.49 -2.42 2.02
N THR C 30 27.73 -2.68 2.38
CA THR C 30 28.20 -4.03 2.71
C THR C 30 29.16 -3.93 3.88
N GLY C 31 29.52 -5.08 4.44
CA GLY C 31 30.46 -5.12 5.54
C GLY C 31 29.89 -4.96 6.93
N ALA C 32 30.74 -4.60 7.88
CA ALA C 32 30.37 -4.43 9.27
C ALA C 32 29.18 -3.52 9.57
N THR C 33 29.06 -2.40 8.88
CA THR C 33 27.95 -1.46 9.11
C THR C 33 26.62 -2.11 8.73
N THR C 34 26.71 -3.32 8.20
CA THR C 34 25.56 -4.09 7.74
C THR C 34 25.00 -5.09 8.76
N THR C 35 25.71 -5.27 9.88
CA THR C 35 25.26 -6.20 10.90
C THR C 35 23.95 -5.69 11.47
N ILE C 36 23.13 -6.58 12.01
CA ILE C 36 21.87 -6.17 12.58
C ILE C 36 22.07 -5.14 13.71
N TYR C 37 23.13 -5.30 14.52
CA TYR C 37 23.37 -4.35 15.60
C TYR C 37 23.95 -3.02 15.12
N ALA C 38 24.71 -3.04 14.02
CA ALA C 38 25.26 -1.81 13.47
C ALA C 38 24.12 -1.02 12.86
N VAL C 39 23.26 -1.71 12.12
CA VAL C 39 22.12 -1.07 11.48
C VAL C 39 21.20 -0.46 12.52
N GLU C 40 20.91 -1.19 13.59
CA GLU C 40 20.03 -0.68 14.63
C GLU C 40 20.64 0.50 15.37
N ALA C 41 21.97 0.52 15.50
CA ALA C 41 22.62 1.61 16.22
C ALA C 41 22.97 2.83 15.38
N ASP C 42 23.51 2.61 14.19
CA ASP C 42 23.92 3.71 13.32
C ASP C 42 23.00 3.94 12.11
N GLY C 43 21.95 3.15 12.00
CA GLY C 43 21.05 3.30 10.88
C GLY C 43 21.48 2.39 9.75
N ASP C 44 20.54 2.08 8.86
CA ASP C 44 20.80 1.20 7.73
C ASP C 44 21.49 1.93 6.57
N PRO C 45 22.68 1.47 6.16
CA PRO C 45 23.41 2.11 5.07
C PRO C 45 22.76 1.89 3.71
N ASN C 46 21.74 1.09 3.66
CA ASN C 46 21.07 0.82 2.40
C ASN C 46 19.67 1.44 2.44
N ALA C 47 19.42 2.25 3.45
CA ALA C 47 18.13 2.91 3.63
C ALA C 47 17.60 3.55 2.35
N GLY C 48 16.33 3.27 2.05
CA GLY C 48 15.67 3.82 0.89
C GLY C 48 16.31 3.68 -0.49
N PHE C 49 17.15 2.67 -0.68
CA PHE C 49 17.77 2.48 -1.98
C PHE C 49 16.72 2.13 -3.04
N GLU C 50 17.05 2.44 -4.28
CA GLU C 50 16.18 2.16 -5.41
C GLU C 50 17.07 1.92 -6.62
N LYS C 51 16.92 0.75 -7.24
CA LYS C 51 17.75 0.44 -8.40
C LYS C 51 17.49 1.37 -9.57
N ASN C 52 18.56 1.66 -10.29
CA ASN C 52 18.57 2.53 -11.46
C ASN C 52 18.26 3.99 -11.11
N LYS C 53 18.13 4.28 -9.82
CA LYS C 53 17.88 5.65 -9.36
C LYS C 53 19.20 6.13 -8.77
N GLU C 54 20.12 5.17 -8.63
CA GLU C 54 21.46 5.40 -8.10
C GLU C 54 22.28 4.12 -8.28
N PRO C 55 23.62 4.22 -8.23
CA PRO C 55 24.50 3.07 -8.39
C PRO C 55 24.20 1.94 -7.40
N GLY C 56 23.80 0.80 -7.93
CA GLY C 56 23.50 -0.35 -7.10
C GLY C 56 24.47 -1.48 -7.33
N GLU C 57 24.40 -2.50 -6.48
CA GLU C 57 25.26 -3.67 -6.59
C GLU C 57 24.51 -4.91 -6.19
N ILE C 58 25.05 -6.05 -6.61
CA ILE C 58 24.47 -7.32 -6.24
C ILE C 58 25.19 -7.63 -4.93
N GLN C 59 24.42 -7.95 -3.89
CA GLN C 59 24.99 -8.25 -2.59
C GLN C 59 24.38 -9.53 -2.04
N TYR C 60 25.18 -10.27 -1.27
CA TYR C 60 24.73 -11.53 -0.70
C TYR C 60 24.80 -11.49 0.82
N LEU C 61 23.75 -11.98 1.47
CA LEU C 61 23.71 -12.01 2.94
C LEU C 61 24.50 -13.22 3.39
N ILE C 62 25.59 -12.98 4.10
CA ILE C 62 26.47 -14.05 4.53
C ILE C 62 26.47 -14.45 6.00
N LYS C 63 26.22 -15.74 6.22
CA LYS C 63 26.23 -16.33 7.56
C LYS C 63 27.65 -16.86 7.73
N TRP C 64 28.38 -16.32 8.71
CA TRP C 64 29.76 -16.71 8.92
C TRP C 64 30.01 -17.90 9.84
N LYS C 65 31.04 -18.65 9.49
CA LYS C 65 31.44 -19.83 10.26
C LYS C 65 31.96 -19.36 11.60
N GLY C 66 31.32 -19.84 12.67
CA GLY C 66 31.76 -19.46 14.00
C GLY C 66 31.04 -18.24 14.57
N TRP C 67 30.07 -17.70 13.84
CA TRP C 67 29.36 -16.54 14.33
C TRP C 67 27.85 -16.68 14.16
N SER C 68 27.12 -16.44 15.24
CA SER C 68 25.66 -16.51 15.21
C SER C 68 25.14 -15.60 14.09
N HIS C 69 23.89 -15.77 13.71
CA HIS C 69 23.34 -14.97 12.62
C HIS C 69 23.30 -13.46 12.82
N ILE C 70 23.42 -12.99 14.06
CA ILE C 70 23.38 -11.54 14.26
C ILE C 70 24.59 -10.86 13.61
N HIS C 71 25.66 -11.63 13.42
CA HIS C 71 26.89 -11.11 12.82
C HIS C 71 26.87 -11.22 11.28
N ASN C 72 25.80 -11.75 10.70
CA ASN C 72 25.71 -11.87 9.25
C ASN C 72 25.90 -10.52 8.58
N THR C 73 26.55 -10.51 7.42
CA THR C 73 26.81 -9.27 6.70
C THR C 73 26.56 -9.37 5.19
N TRP C 74 26.22 -8.25 4.57
CA TRP C 74 26.00 -8.19 3.13
C TRP C 74 27.36 -7.93 2.48
N GLU C 75 27.67 -8.70 1.45
CA GLU C 75 28.94 -8.56 0.75
C GLU C 75 28.75 -8.68 -0.76
N THR C 76 29.83 -8.35 -1.46
CA THR C 76 29.89 -8.42 -2.91
C THR C 76 30.98 -9.43 -3.22
N GLU C 77 30.93 -10.04 -4.40
CA GLU C 77 31.95 -11.00 -4.78
C GLU C 77 33.31 -10.33 -4.59
N GLU C 78 33.35 -9.03 -4.84
CA GLU C 78 34.57 -8.24 -4.69
C GLU C 78 35.05 -8.14 -3.26
N THR C 79 34.12 -7.87 -2.33
CA THR C 79 34.48 -7.76 -0.92
C THR C 79 34.94 -9.10 -0.38
N LEU C 80 34.25 -10.18 -0.77
CA LEU C 80 34.63 -11.51 -0.31
C LEU C 80 36.06 -11.78 -0.75
N LYS C 81 36.35 -11.51 -2.02
CA LYS C 81 37.66 -11.73 -2.59
C LYS C 81 38.81 -10.99 -1.92
N GLN C 82 38.66 -9.68 -1.70
CA GLN C 82 39.74 -8.93 -1.09
C GLN C 82 39.88 -9.16 0.42
N GLN C 83 38.99 -9.96 0.99
CA GLN C 83 39.11 -10.27 2.42
C GLN C 83 39.71 -11.66 2.54
N ASN C 84 39.80 -12.37 1.41
CA ASN C 84 40.39 -13.70 1.42
C ASN C 84 39.61 -14.70 2.27
N VAL C 85 38.30 -14.77 2.07
CA VAL C 85 37.48 -15.68 2.84
C VAL C 85 37.46 -17.07 2.21
N ARG C 86 37.33 -18.09 3.05
CA ARG C 86 37.29 -19.45 2.54
C ARG C 86 35.85 -19.81 2.27
N GLY C 87 35.65 -20.72 1.31
CA GLY C 87 34.31 -21.14 0.97
C GLY C 87 33.79 -20.48 -0.29
N MET C 88 34.69 -19.86 -1.06
CA MET C 88 34.28 -19.20 -2.29
C MET C 88 33.49 -20.10 -3.23
N LYS C 89 33.61 -21.41 -3.03
CA LYS C 89 32.87 -22.35 -3.86
C LYS C 89 31.40 -22.09 -3.61
N LYS C 90 31.08 -21.74 -2.37
CA LYS C 90 29.71 -21.44 -1.99
C LYS C 90 29.20 -20.39 -2.96
N LEU C 91 30.07 -19.43 -3.29
CA LEU C 91 29.72 -18.36 -4.20
C LEU C 91 29.31 -18.89 -5.56
N ASP C 92 30.18 -19.71 -6.16
CA ASP C 92 29.91 -20.30 -7.46
C ASP C 92 28.56 -20.98 -7.51
N ASN C 93 28.31 -21.86 -6.55
CA ASN C 93 27.06 -22.60 -6.50
C ASN C 93 25.86 -21.67 -6.41
N TYR C 94 25.93 -20.73 -5.49
CA TYR C 94 24.83 -19.80 -5.29
C TYR C 94 24.49 -19.06 -6.57
N LYS C 95 25.51 -18.73 -7.35
CA LYS C 95 25.32 -18.00 -8.60
C LYS C 95 24.47 -18.73 -9.63
N LYS C 96 23.84 -19.82 -9.19
CA LYS C 96 22.98 -20.62 -10.06
C LYS C 96 21.89 -21.26 -9.21
N ALA D 1 15.41 11.93 1.77
CA ALA D 1 14.16 11.54 1.16
C ALA D 1 13.38 12.74 0.66
N ARG D 2 12.52 12.48 -0.30
CA ARG D 2 11.82 13.53 -1.05
C ARG D 2 10.63 14.10 -0.27
N THR D 3 10.38 15.38 -0.47
CA THR D 3 9.25 16.08 0.13
C THR D 3 8.68 16.95 -0.98
N GLN D 5 8.74 19.96 -1.81
CA GLN D 5 9.46 21.19 -1.49
C GLN D 5 8.59 22.42 -1.66
#